data_8G52
#
_entry.id   8G52
#
_cell.length_a   42.695
_cell.length_b   85.409
_cell.length_c   73.686
_cell.angle_alpha   90.000
_cell.angle_beta   90.140
_cell.angle_gamma   90.000
#
_symmetry.space_group_name_H-M   'P 1 21 1'
#
loop_
_entity.id
_entity.type
_entity.pdbx_description
1 polymer 'TPR_REGION domain-containing protein'
2 non-polymer 'PALMITIC ACID'
3 water water
#
_entity_poly.entity_id   1
_entity_poly.type   'polypeptide(L)'
_entity_poly.pdbx_seq_one_letter_code
;MTKRSIELAALAIALTFASGCKGRTAAWEDKGTKTPTDASATGDATATSASSLESAKAAWEARGQGKDKVLEAIAAWEQA
MGCTAGDTSPKDRCSAPPTTTENAETLALMTRAIYFYADGYLRGDEKAYLDYMDRAVWWGERALIAASPEFGEAMRNKTK
YHEAIATVGIAGLPAMYWYATALGKWARASGFGVLVGQKDDIKATMTRALELDPSYYHGGPHRYFGAFYAIAPGFAGGDP
DKSQEHYQKSLDLAPYFLGTKVLMAENLATKLDDEEMFDRLLQEVIDADISAAPAEIHAEMAIEKEKAVELQKQKVAEDW
FLEHHHHHH
;
_entity_poly.pdbx_strand_id   A,B
#
# COMPACT_ATOMS: atom_id res chain seq x y z
N GLY A 43 9.14 -17.28 19.63
CA GLY A 43 9.32 -15.91 20.08
C GLY A 43 8.55 -14.90 19.22
N ASP A 44 8.69 -13.61 19.59
CA ASP A 44 7.88 -12.56 18.97
C ASP A 44 8.02 -12.57 17.46
N ALA A 45 9.25 -12.70 16.94
CA ALA A 45 9.43 -12.56 15.50
C ALA A 45 9.11 -13.84 14.75
N THR A 46 9.41 -15.01 15.34
CA THR A 46 9.02 -16.26 14.69
C THR A 46 7.50 -16.43 14.67
N ALA A 47 6.81 -15.87 15.65
CA ALA A 47 5.36 -15.85 15.67
C ALA A 47 4.80 -14.67 14.90
N THR A 48 5.57 -13.58 14.78
CA THR A 48 5.17 -12.48 13.92
C THR A 48 5.34 -12.84 12.44
N SER A 49 6.27 -13.75 12.13
CA SER A 49 6.40 -14.24 10.76
C SER A 49 5.35 -15.29 10.43
N ALA A 50 4.95 -16.11 11.42
CA ALA A 50 3.87 -17.05 11.20
C ALA A 50 2.55 -16.32 10.99
N SER A 51 2.33 -15.24 11.73
CA SER A 51 1.10 -14.46 11.55
C SER A 51 1.15 -13.62 10.27
N SER A 52 2.31 -13.09 9.90
CA SER A 52 2.37 -12.32 8.66
C SER A 52 2.18 -13.22 7.45
N LEU A 53 2.71 -14.45 7.50
CA LEU A 53 2.40 -15.41 6.45
C LEU A 53 0.90 -15.61 6.32
N GLU A 54 0.22 -15.84 7.46
CA GLU A 54 -1.23 -15.92 7.49
C GLU A 54 -1.86 -14.68 6.90
N SER A 55 -1.37 -13.50 7.32
CA SER A 55 -1.89 -12.25 6.78
C SER A 55 -1.62 -12.14 5.29
N ALA A 56 -0.44 -12.57 4.84
CA ALA A 56 -0.12 -12.53 3.42
C ALA A 56 -1.10 -13.38 2.63
N LYS A 57 -1.23 -14.65 3.01
CA LYS A 57 -2.11 -15.56 2.26
C LYS A 57 -3.53 -15.03 2.25
N ALA A 58 -4.02 -14.54 3.40
CA ALA A 58 -5.37 -13.98 3.48
C ALA A 58 -5.56 -12.85 2.47
N ALA A 59 -4.62 -11.91 2.44
CA ALA A 59 -4.76 -10.76 1.56
C ALA A 59 -4.63 -11.16 0.08
N TRP A 60 -3.76 -12.12 -0.21
CA TRP A 60 -3.61 -12.61 -1.58
C TRP A 60 -4.87 -13.32 -2.06
N GLU A 61 -5.54 -14.04 -1.16
CA GLU A 61 -6.81 -14.65 -1.54
C GLU A 61 -7.86 -13.60 -1.85
N ALA A 62 -7.79 -12.44 -1.19
CA ALA A 62 -8.68 -11.32 -1.44
C ALA A 62 -8.19 -10.36 -2.54
N ARG A 63 -7.24 -10.80 -3.39
CA ARG A 63 -6.65 -9.90 -4.38
C ARG A 63 -7.67 -9.37 -5.37
N GLY A 64 -8.79 -10.05 -5.57
CA GLY A 64 -9.85 -9.52 -6.41
C GLY A 64 -10.46 -8.24 -5.88
N GLN A 65 -10.14 -7.86 -4.65
CA GLN A 65 -10.65 -6.62 -4.08
C GLN A 65 -9.91 -5.41 -4.64
N GLY A 66 -8.66 -5.57 -5.02
CA GLY A 66 -7.95 -4.50 -5.68
C GLY A 66 -6.45 -4.52 -5.36
N LYS A 67 -5.77 -3.50 -5.89
CA LYS A 67 -4.32 -3.41 -5.71
C LYS A 67 -3.92 -3.35 -4.24
N ASP A 68 -4.75 -2.73 -3.39
CA ASP A 68 -4.39 -2.62 -1.98
C ASP A 68 -4.12 -3.98 -1.36
N LYS A 69 -5.04 -4.93 -1.57
CA LYS A 69 -4.87 -6.26 -1.00
C LYS A 69 -3.62 -6.93 -1.56
N VAL A 70 -3.34 -6.70 -2.83
CA VAL A 70 -2.13 -7.28 -3.42
C VAL A 70 -0.89 -6.71 -2.73
N LEU A 71 -0.86 -5.39 -2.55
CA LEU A 71 0.27 -4.73 -1.90
C LEU A 71 0.37 -5.14 -0.43
N GLU A 72 -0.77 -5.41 0.20
CA GLU A 72 -0.77 -5.91 1.57
C GLU A 72 -0.16 -7.31 1.64
N ALA A 73 -0.49 -8.17 0.67
CA ALA A 73 0.10 -9.49 0.64
C ALA A 73 1.62 -9.41 0.49
N ILE A 74 2.07 -8.62 -0.47
CA ILE A 74 3.51 -8.48 -0.71
C ILE A 74 4.22 -7.99 0.55
N ALA A 75 3.66 -6.98 1.22
CA ALA A 75 4.32 -6.42 2.39
C ALA A 75 4.40 -7.44 3.52
N ALA A 76 3.36 -8.28 3.68
CA ALA A 76 3.39 -9.27 4.76
C ALA A 76 4.39 -10.37 4.43
N TRP A 77 4.42 -10.83 3.19
CA TRP A 77 5.40 -11.85 2.81
C TRP A 77 6.81 -11.33 3.04
N GLU A 78 7.08 -10.11 2.55
CA GLU A 78 8.41 -9.54 2.70
C GLU A 78 8.77 -9.40 4.17
N GLN A 79 7.80 -9.00 5.01
CA GLN A 79 8.00 -9.00 6.46
C GLN A 79 8.41 -10.38 6.95
N ALA A 80 7.62 -11.41 6.61
CA ALA A 80 7.94 -12.77 7.01
C ALA A 80 9.29 -13.23 6.49
N MET A 81 9.77 -12.65 5.39
CA MET A 81 11.05 -13.00 4.78
C MET A 81 12.21 -12.21 5.40
N GLY A 82 11.96 -11.46 6.49
CA GLY A 82 12.98 -10.73 7.18
C GLY A 82 13.23 -9.32 6.69
N CYS A 83 12.43 -8.82 5.73
CA CYS A 83 12.64 -7.50 5.19
C CYS A 83 12.14 -6.41 6.14
N THR A 84 12.92 -5.33 6.25
CA THR A 84 12.35 -4.09 6.76
C THR A 84 11.28 -3.60 5.78
N ALA A 85 10.31 -2.85 6.32
CA ALA A 85 9.18 -2.40 5.51
C ALA A 85 9.53 -1.11 4.79
N GLY A 86 8.98 -0.95 3.59
CA GLY A 86 9.24 0.26 2.82
C GLY A 86 8.85 0.08 1.37
N ASP A 87 9.05 1.16 0.62
CA ASP A 87 8.58 1.26 -0.75
C ASP A 87 9.71 1.19 -1.77
N THR A 88 10.88 0.73 -1.37
CA THR A 88 12.05 0.63 -2.24
C THR A 88 12.31 -0.83 -2.58
N SER A 89 13.27 -1.04 -3.48
CA SER A 89 13.49 -2.38 -4.02
C SER A 89 13.83 -3.36 -2.89
N PRO A 90 13.41 -4.61 -3.01
CA PRO A 90 13.73 -5.62 -1.98
C PRO A 90 15.21 -5.70 -1.65
N LYS A 91 16.07 -5.54 -2.65
CA LYS A 91 17.50 -5.68 -2.44
C LYS A 91 18.08 -4.63 -1.50
N ASP A 92 17.35 -3.54 -1.25
CA ASP A 92 17.75 -2.51 -0.31
C ASP A 92 17.15 -2.68 1.08
N ARG A 93 16.25 -3.65 1.28
CA ARG A 93 15.59 -3.85 2.55
C ARG A 93 15.59 -5.29 3.04
N CYS A 94 16.11 -6.23 2.26
CA CYS A 94 15.98 -7.66 2.59
C CYS A 94 17.35 -8.32 2.62
N SER A 95 17.94 -8.40 3.82
CA SER A 95 19.16 -9.14 4.02
C SER A 95 18.85 -10.62 4.22
N ALA A 96 19.66 -11.48 3.60
CA ALA A 96 19.62 -12.93 3.77
C ALA A 96 18.18 -13.46 3.86
N PRO A 97 17.34 -13.20 2.87
CA PRO A 97 16.04 -13.88 2.82
C PRO A 97 16.24 -15.38 2.90
N PRO A 98 15.47 -16.07 3.72
CA PRO A 98 15.74 -17.50 3.96
C PRO A 98 15.33 -18.39 2.81
N THR A 99 16.28 -18.74 1.94
CA THR A 99 15.96 -19.52 0.72
C THR A 99 16.01 -21.02 1.02
N THR A 100 15.15 -21.45 1.93
CA THR A 100 15.12 -22.83 2.37
C THR A 100 13.91 -23.53 1.80
N THR A 101 13.98 -24.87 1.80
CA THR A 101 12.90 -25.66 1.23
C THR A 101 11.56 -25.25 1.82
N GLU A 102 11.51 -25.00 3.13
CA GLU A 102 10.23 -24.66 3.76
C GLU A 102 9.70 -23.31 3.31
N ASN A 103 10.54 -22.47 2.72
CA ASN A 103 10.10 -21.16 2.22
C ASN A 103 9.90 -21.11 0.71
N ALA A 104 10.21 -22.19 -0.02
CA ALA A 104 10.20 -22.11 -1.48
C ALA A 104 8.82 -21.74 -2.01
N GLU A 105 7.76 -22.33 -1.45
CA GLU A 105 6.42 -22.04 -1.95
C GLU A 105 6.10 -20.56 -1.78
N THR A 106 6.36 -20.04 -0.59
CA THR A 106 6.14 -18.61 -0.33
C THR A 106 6.88 -17.75 -1.35
N LEU A 107 8.15 -18.07 -1.63
CA LEU A 107 8.95 -17.19 -2.48
C LEU A 107 8.46 -17.21 -3.93
N ALA A 108 8.03 -18.37 -4.42
CA ALA A 108 7.44 -18.44 -5.76
C ALA A 108 6.10 -17.72 -5.81
N LEU A 109 5.34 -17.75 -4.71
CA LEU A 109 4.07 -17.01 -4.70
C LEU A 109 4.31 -15.52 -4.63
N MET A 110 5.35 -15.09 -3.88
CA MET A 110 5.70 -13.68 -3.86
C MET A 110 6.06 -13.20 -5.27
N THR A 111 6.76 -14.04 -6.03
CA THR A 111 7.15 -13.71 -7.40
C THR A 111 5.93 -13.47 -8.28
N ARG A 112 4.96 -14.38 -8.20
CA ARG A 112 3.72 -14.23 -8.96
C ARG A 112 2.95 -13.00 -8.53
N ALA A 113 2.90 -12.75 -7.23
CA ALA A 113 2.09 -11.64 -6.71
C ALA A 113 2.65 -10.29 -7.11
N ILE A 114 3.97 -10.13 -7.11
CA ILE A 114 4.54 -8.85 -7.51
C ILE A 114 4.32 -8.66 -9.01
N TYR A 115 4.49 -9.72 -9.79
CA TYR A 115 4.10 -9.70 -11.20
C TYR A 115 2.63 -9.32 -11.37
N PHE A 116 1.73 -9.96 -10.61
CA PHE A 116 0.31 -9.62 -10.69
C PHE A 116 0.09 -8.13 -10.47
N TYR A 117 0.77 -7.56 -9.48
CA TYR A 117 0.60 -6.12 -9.21
C TYR A 117 0.99 -5.29 -10.43
N ALA A 118 2.21 -5.51 -10.95
CA ALA A 118 2.69 -4.71 -12.09
C ALA A 118 1.83 -4.94 -13.34
N ASP A 119 1.66 -6.20 -13.73
CA ASP A 119 0.84 -6.55 -14.89
C ASP A 119 -0.58 -6.02 -14.78
N GLY A 120 -1.13 -5.98 -13.59
CA GLY A 120 -2.51 -5.58 -13.44
C GLY A 120 -2.72 -4.08 -13.31
N TYR A 121 -1.77 -3.39 -12.71
CA TYR A 121 -2.00 -2.04 -12.22
C TYR A 121 -0.95 -1.01 -12.61
N LEU A 122 0.17 -1.43 -13.20
CA LEU A 122 1.19 -0.45 -13.55
C LEU A 122 1.40 -0.28 -15.05
N ARG A 123 0.46 -0.78 -15.87
CA ARG A 123 0.65 -0.71 -17.32
C ARG A 123 0.74 0.72 -17.83
N GLY A 124 0.15 1.67 -17.12
CA GLY A 124 0.21 3.06 -17.50
C GLY A 124 1.41 3.83 -16.99
N ASP A 125 2.36 3.17 -16.32
CA ASP A 125 3.48 3.82 -15.62
C ASP A 125 4.74 3.03 -15.91
N GLU A 126 5.49 3.44 -16.94
CA GLU A 126 6.63 2.64 -17.37
C GLU A 126 7.66 2.49 -16.25
N LYS A 127 7.97 3.57 -15.55
CA LYS A 127 9.01 3.50 -14.52
C LYS A 127 8.64 2.52 -13.41
N ALA A 128 7.45 2.69 -12.83
CA ALA A 128 7.02 1.77 -11.77
C ALA A 128 6.92 0.34 -12.30
N TYR A 129 6.29 0.16 -13.48
CA TYR A 129 6.16 -1.17 -14.06
C TYR A 129 7.50 -1.86 -14.19
N LEU A 130 8.51 -1.14 -14.66
CA LEU A 130 9.85 -1.69 -14.77
C LEU A 130 10.43 -1.97 -13.39
N ASP A 131 10.28 -1.02 -12.47
CA ASP A 131 10.71 -1.24 -11.09
C ASP A 131 10.17 -2.55 -10.53
N TYR A 132 8.84 -2.72 -10.55
CA TYR A 132 8.23 -3.85 -9.85
C TYR A 132 8.40 -5.17 -10.59
N MET A 133 8.41 -5.17 -11.93
CA MET A 133 8.75 -6.42 -12.62
C MET A 133 10.14 -6.87 -12.26
N ASP A 134 11.08 -5.92 -12.10
CA ASP A 134 12.42 -6.31 -11.67
C ASP A 134 12.43 -6.82 -10.23
N ARG A 135 11.54 -6.31 -9.37
CA ARG A 135 11.41 -6.87 -8.01
C ARG A 135 10.98 -8.33 -8.06
N ALA A 136 10.02 -8.65 -8.91
CA ALA A 136 9.56 -10.01 -9.08
C ALA A 136 10.66 -10.92 -9.61
N VAL A 137 11.45 -10.43 -10.57
CA VAL A 137 12.63 -11.16 -11.01
C VAL A 137 13.54 -11.44 -9.83
N TRP A 138 13.79 -10.42 -9.01
CA TRP A 138 14.70 -10.55 -7.87
C TRP A 138 14.22 -11.66 -6.93
N TRP A 139 12.95 -11.61 -6.53
CA TRP A 139 12.42 -12.66 -5.65
C TRP A 139 12.34 -13.99 -6.37
N GLY A 140 12.11 -13.97 -7.69
CA GLY A 140 12.08 -15.20 -8.46
C GLY A 140 13.41 -15.94 -8.45
N GLU A 141 14.53 -15.20 -8.52
CA GLU A 141 15.83 -15.85 -8.40
C GLU A 141 15.94 -16.60 -7.07
N ARG A 142 15.39 -16.04 -6.00
CA ARG A 142 15.46 -16.66 -4.68
C ARG A 142 14.49 -17.82 -4.57
N ALA A 143 13.32 -17.71 -5.24
CA ALA A 143 12.40 -18.84 -5.32
C ALA A 143 13.04 -20.04 -5.99
N LEU A 144 13.82 -19.81 -7.06
CA LEU A 144 14.48 -20.91 -7.73
C LEU A 144 15.51 -21.57 -6.81
N ILE A 145 16.36 -20.75 -6.17
CA ILE A 145 17.38 -21.29 -5.27
C ILE A 145 16.70 -22.12 -4.19
N ALA A 146 15.63 -21.60 -3.60
CA ALA A 146 15.01 -22.28 -2.46
C ALA A 146 14.40 -23.61 -2.89
N ALA A 147 13.79 -23.66 -4.07
CA ALA A 147 13.09 -24.88 -4.47
C ALA A 147 14.03 -25.93 -5.07
N SER A 148 15.24 -25.55 -5.46
CA SER A 148 16.13 -26.45 -6.19
C SER A 148 17.54 -26.38 -5.64
N PRO A 149 17.92 -27.28 -4.74
CA PRO A 149 19.31 -27.29 -4.26
C PRO A 149 20.31 -27.54 -5.38
N GLU A 150 19.93 -28.41 -6.32
CA GLU A 150 20.82 -28.72 -7.45
C GLU A 150 21.08 -27.48 -8.28
N PHE A 151 20.05 -26.67 -8.50
CA PHE A 151 20.22 -25.40 -9.21
C PHE A 151 21.15 -24.47 -8.43
N GLY A 152 20.87 -24.29 -7.14
CA GLY A 152 21.76 -23.48 -6.31
C GLY A 152 23.19 -23.99 -6.31
N GLU A 153 23.36 -25.31 -6.25
CA GLU A 153 24.70 -25.88 -6.31
C GLU A 153 25.36 -25.62 -7.66
N ALA A 154 24.62 -25.86 -8.75
CA ALA A 154 25.17 -25.70 -10.08
C ALA A 154 25.72 -24.29 -10.29
N MET A 155 24.92 -23.27 -9.97
CA MET A 155 25.37 -21.91 -10.18
C MET A 155 26.60 -21.57 -9.34
N ARG A 156 26.83 -22.30 -8.24
CA ARG A 156 28.01 -22.07 -7.42
C ARG A 156 29.25 -22.76 -7.98
N ASN A 157 29.06 -23.82 -8.78
CA ASN A 157 30.14 -24.41 -9.57
C ASN A 157 30.27 -23.77 -10.96
N LYS A 158 29.72 -22.57 -11.12
CA LYS A 158 29.89 -21.74 -12.32
C LYS A 158 29.09 -22.31 -13.47
N THR A 159 28.21 -23.28 -13.21
CA THR A 159 27.26 -23.73 -14.20
C THR A 159 26.34 -22.58 -14.58
N LYS A 160 26.26 -22.33 -15.89
CA LYS A 160 25.52 -21.21 -16.42
C LYS A 160 24.03 -21.50 -16.26
N TYR A 161 23.24 -20.42 -16.13
CA TYR A 161 21.81 -20.58 -15.95
C TYR A 161 21.22 -21.49 -17.03
N HIS A 162 21.62 -21.26 -18.28
CA HIS A 162 21.05 -22.02 -19.40
C HIS A 162 21.06 -23.51 -19.12
N GLU A 163 22.16 -24.00 -18.54
CA GLU A 163 22.30 -25.43 -18.29
C GLU A 163 21.77 -25.81 -16.92
N ALA A 164 21.95 -24.94 -15.93
CA ALA A 164 21.45 -25.19 -14.58
C ALA A 164 19.92 -25.28 -14.56
N ILE A 165 19.24 -24.41 -15.31
CA ILE A 165 17.78 -24.38 -15.27
C ILE A 165 17.21 -25.71 -15.74
N ALA A 166 17.92 -26.41 -16.62
CA ALA A 166 17.43 -27.66 -17.15
C ALA A 166 17.37 -28.77 -16.11
N THR A 167 18.04 -28.59 -14.96
CA THR A 167 18.09 -29.62 -13.94
C THR A 167 17.03 -29.45 -12.85
N VAL A 168 16.30 -28.34 -12.85
CA VAL A 168 15.34 -28.07 -11.78
C VAL A 168 14.20 -29.08 -11.83
N GLY A 169 13.83 -29.60 -10.66
CA GLY A 169 12.79 -30.59 -10.54
C GLY A 169 11.40 -29.98 -10.38
N ILE A 170 10.41 -30.85 -10.19
CA ILE A 170 9.03 -30.38 -10.18
C ILE A 170 8.82 -29.33 -9.10
N ALA A 171 9.51 -29.45 -7.97
CA ALA A 171 9.35 -28.47 -6.90
C ALA A 171 9.61 -27.05 -7.38
N GLY A 172 10.38 -26.89 -8.45
CA GLY A 172 10.74 -25.57 -8.93
C GLY A 172 9.94 -25.03 -10.10
N LEU A 173 8.90 -25.75 -10.55
CA LEU A 173 8.12 -25.28 -11.68
C LEU A 173 7.39 -23.98 -11.38
N PRO A 174 6.70 -23.82 -10.24
CA PRO A 174 6.13 -22.49 -9.94
C PRO A 174 7.19 -21.40 -9.99
N ALA A 175 8.33 -21.62 -9.33
CA ALA A 175 9.42 -20.66 -9.35
C ALA A 175 9.84 -20.31 -10.77
N MET A 176 10.11 -21.34 -11.60
CA MET A 176 10.69 -21.06 -12.90
C MET A 176 9.66 -20.44 -13.83
N TYR A 177 8.39 -20.82 -13.69
CA TYR A 177 7.35 -20.23 -14.54
C TYR A 177 7.14 -18.76 -14.21
N TRP A 178 6.99 -18.43 -12.94
CA TRP A 178 6.72 -17.03 -12.57
C TRP A 178 7.97 -16.18 -12.65
N TYR A 179 9.15 -16.75 -12.49
CA TYR A 179 10.39 -16.02 -12.74
C TYR A 179 10.48 -15.63 -14.22
N ALA A 180 10.19 -16.59 -15.10
CA ALA A 180 10.27 -16.34 -16.54
C ALA A 180 9.20 -15.36 -17.00
N THR A 181 8.04 -15.40 -16.38
CA THR A 181 6.97 -14.45 -16.69
C THR A 181 7.37 -13.03 -16.32
N ALA A 182 7.93 -12.85 -15.12
CA ALA A 182 8.40 -11.54 -14.70
C ALA A 182 9.60 -11.09 -15.54
N LEU A 183 10.54 -12.00 -15.77
CA LEU A 183 11.72 -11.64 -16.54
C LEU A 183 11.34 -11.26 -17.97
N GLY A 184 10.44 -12.02 -18.59
CA GLY A 184 10.01 -11.70 -19.94
C GLY A 184 9.30 -10.37 -20.03
N LYS A 185 8.37 -10.11 -19.11
CA LYS A 185 7.66 -8.83 -19.22
C LYS A 185 8.57 -7.68 -18.82
N TRP A 186 9.47 -7.90 -17.85
CA TRP A 186 10.47 -6.88 -17.57
C TRP A 186 11.32 -6.58 -18.80
N ALA A 187 11.87 -7.62 -19.43
CA ALA A 187 12.74 -7.41 -20.57
C ALA A 187 11.99 -6.74 -21.71
N ARG A 188 10.76 -7.19 -21.97
CA ARG A 188 9.99 -6.61 -23.07
C ARG A 188 9.82 -5.10 -22.87
N ALA A 189 9.47 -4.67 -21.66
CA ALA A 189 9.29 -3.25 -21.42
C ALA A 189 10.60 -2.47 -21.49
N SER A 190 11.73 -3.13 -21.25
CA SER A 190 13.02 -2.44 -21.25
C SER A 190 13.47 -2.03 -22.65
N GLY A 191 13.15 -2.83 -23.66
CA GLY A 191 13.60 -2.59 -25.01
C GLY A 191 14.19 -3.82 -25.65
N PHE A 192 14.44 -3.71 -26.96
CA PHE A 192 14.83 -4.88 -27.74
C PHE A 192 16.18 -5.43 -27.29
N GLY A 193 17.13 -4.56 -26.96
CA GLY A 193 18.44 -5.04 -26.59
C GLY A 193 18.40 -5.91 -25.36
N VAL A 194 17.62 -5.48 -24.36
CA VAL A 194 17.43 -6.26 -23.15
C VAL A 194 16.66 -7.54 -23.46
N LEU A 195 15.62 -7.43 -24.28
CA LEU A 195 14.79 -8.58 -24.60
C LEU A 195 15.61 -9.69 -25.27
N VAL A 196 16.35 -9.35 -26.33
CA VAL A 196 17.09 -10.39 -27.04
C VAL A 196 18.22 -10.92 -26.16
N GLY A 197 18.73 -10.11 -25.25
CA GLY A 197 19.72 -10.58 -24.30
C GLY A 197 19.22 -11.69 -23.41
N GLN A 198 17.92 -11.69 -23.11
CA GLN A 198 17.32 -12.68 -22.21
C GLN A 198 16.64 -13.83 -22.95
N LYS A 199 16.66 -13.82 -24.28
CA LYS A 199 15.82 -14.74 -25.06
C LYS A 199 16.20 -16.20 -24.81
N ASP A 200 17.50 -16.51 -24.81
CA ASP A 200 17.90 -17.91 -24.70
C ASP A 200 17.68 -18.44 -23.29
N ASP A 201 17.94 -17.62 -22.26
CA ASP A 201 17.66 -18.08 -20.89
C ASP A 201 16.16 -18.26 -20.67
N ILE A 202 15.36 -17.36 -21.23
CA ILE A 202 13.92 -17.52 -21.13
C ILE A 202 13.49 -18.82 -21.80
N LYS A 203 13.95 -19.03 -23.02
CA LYS A 203 13.54 -20.22 -23.76
C LYS A 203 13.91 -21.50 -23.03
N ALA A 204 15.12 -21.57 -22.49
CA ALA A 204 15.53 -22.75 -21.74
C ALA A 204 14.63 -22.97 -20.52
N THR A 205 14.23 -21.88 -19.86
CA THR A 205 13.36 -21.98 -18.70
C THR A 205 11.99 -22.54 -19.11
N MET A 206 11.38 -21.97 -20.14
CA MET A 206 10.05 -22.45 -20.53
C MET A 206 10.13 -23.84 -21.16
N THR A 207 11.24 -24.18 -21.83
CA THR A 207 11.40 -25.53 -22.34
C THR A 207 11.33 -26.54 -21.20
N ARG A 208 12.04 -26.26 -20.09
CA ARG A 208 12.01 -27.14 -18.93
C ARG A 208 10.64 -27.18 -18.28
N ALA A 209 9.96 -26.04 -18.16
CA ALA A 209 8.62 -26.03 -17.62
C ALA A 209 7.69 -26.90 -18.43
N LEU A 210 7.79 -26.81 -19.77
CA LEU A 210 6.97 -27.62 -20.64
C LEU A 210 7.30 -29.10 -20.49
N GLU A 211 8.58 -29.43 -20.32
CA GLU A 211 8.94 -30.82 -20.06
C GLU A 211 8.27 -31.32 -18.78
N LEU A 212 8.28 -30.49 -17.73
CA LEU A 212 7.78 -30.93 -16.44
C LEU A 212 6.27 -31.08 -16.45
N ASP A 213 5.58 -30.07 -16.99
CA ASP A 213 4.12 -30.11 -16.98
C ASP A 213 3.52 -29.08 -17.92
N PRO A 214 3.14 -29.48 -19.14
CA PRO A 214 2.57 -28.49 -20.08
C PRO A 214 1.25 -27.90 -19.64
N SER A 215 0.53 -28.52 -18.72
CA SER A 215 -0.75 -27.99 -18.25
C SER A 215 -0.61 -27.06 -17.05
N TYR A 216 0.60 -26.91 -16.49
CA TYR A 216 0.77 -26.09 -15.31
C TYR A 216 0.10 -24.73 -15.47
N TYR A 217 -0.57 -24.30 -14.41
CA TYR A 217 -1.28 -23.02 -14.37
C TYR A 217 -2.02 -22.78 -15.69
N HIS A 218 -2.99 -23.67 -15.97
CA HIS A 218 -3.96 -23.46 -17.04
C HIS A 218 -3.28 -23.36 -18.41
N GLY A 219 -2.46 -24.36 -18.71
CA GLY A 219 -1.77 -24.38 -19.99
C GLY A 219 -0.75 -23.27 -20.13
N GLY A 220 -0.14 -22.86 -19.02
CA GLY A 220 0.79 -21.75 -18.98
C GLY A 220 2.01 -21.88 -19.87
N PRO A 221 2.73 -23.00 -19.80
CA PRO A 221 3.95 -23.11 -20.66
C PRO A 221 3.64 -22.95 -22.13
N HIS A 222 2.50 -23.48 -22.60
CA HIS A 222 2.09 -23.30 -24.00
C HIS A 222 1.68 -21.86 -24.29
N ARG A 223 0.91 -21.25 -23.38
CA ARG A 223 0.55 -19.85 -23.55
C ARG A 223 1.79 -18.95 -23.59
N TYR A 224 2.77 -19.25 -22.73
CA TYR A 224 4.02 -18.49 -22.72
C TYR A 224 4.73 -18.59 -24.06
N PHE A 225 4.90 -19.81 -24.58
CA PHE A 225 5.57 -19.98 -25.85
C PHE A 225 4.79 -19.35 -27.00
N GLY A 226 3.46 -19.31 -26.92
CA GLY A 226 2.72 -18.60 -27.94
C GLY A 226 3.20 -17.16 -28.05
N ALA A 227 3.30 -16.50 -26.90
CA ALA A 227 3.84 -15.15 -26.87
C ALA A 227 5.29 -15.10 -27.28
N PHE A 228 6.10 -16.05 -26.81
CA PHE A 228 7.52 -16.07 -27.15
C PHE A 228 7.73 -16.06 -28.67
N TYR A 229 7.03 -16.94 -29.38
CA TYR A 229 7.25 -17.10 -30.81
C TYR A 229 6.58 -16.00 -31.62
N ALA A 230 5.66 -15.25 -31.05
CA ALA A 230 5.03 -14.13 -31.73
C ALA A 230 5.81 -12.83 -31.54
N ILE A 231 6.35 -12.66 -30.32
CA ILE A 231 7.07 -11.43 -29.97
C ILE A 231 8.44 -11.38 -30.62
N ALA A 232 9.13 -12.51 -30.63
CA ALA A 232 10.47 -12.53 -31.22
C ALA A 232 10.39 -12.28 -32.73
N PRO A 233 11.26 -11.42 -33.28
CA PRO A 233 11.31 -11.28 -34.73
C PRO A 233 11.78 -12.57 -35.38
N GLY A 234 11.42 -12.73 -36.66
CA GLY A 234 11.85 -13.92 -37.38
C GLY A 234 13.34 -14.17 -37.28
N PHE A 235 14.15 -13.12 -37.40
CA PHE A 235 15.59 -13.31 -37.38
C PHE A 235 16.12 -13.61 -35.98
N ALA A 236 15.27 -13.54 -34.95
CA ALA A 236 15.65 -13.85 -33.58
C ALA A 236 14.97 -15.11 -33.06
N GLY A 237 14.39 -15.92 -33.96
CA GLY A 237 13.71 -17.14 -33.57
C GLY A 237 12.20 -17.08 -33.65
N GLY A 238 11.61 -15.94 -33.99
CA GLY A 238 10.16 -15.87 -34.12
C GLY A 238 9.62 -16.86 -35.13
N ASP A 239 8.39 -17.30 -34.89
CA ASP A 239 7.75 -18.25 -35.80
C ASP A 239 6.24 -18.27 -35.60
N PRO A 240 5.47 -17.71 -36.53
CA PRO A 240 4.01 -17.64 -36.32
C PRO A 240 3.35 -19.01 -36.30
N ASP A 241 3.93 -19.98 -37.00
CA ASP A 241 3.40 -21.34 -36.96
C ASP A 241 3.56 -21.95 -35.57
N LYS A 242 4.75 -21.82 -34.98
CA LYS A 242 4.92 -22.30 -33.62
C LYS A 242 4.09 -21.51 -32.63
N SER A 243 3.91 -20.21 -32.87
CA SER A 243 3.09 -19.41 -31.97
C SER A 243 1.65 -19.93 -31.97
N GLN A 244 1.06 -20.08 -33.14
CA GLN A 244 -0.35 -20.50 -33.20
C GLN A 244 -0.50 -21.92 -32.65
N GLU A 245 0.45 -22.80 -32.94
CA GLU A 245 0.41 -24.16 -32.41
C GLU A 245 0.39 -24.16 -30.89
N HIS A 246 1.28 -23.39 -30.28
CA HIS A 246 1.36 -23.30 -28.83
C HIS A 246 0.13 -22.62 -28.24
N TYR A 247 -0.32 -21.53 -28.86
CA TYR A 247 -1.51 -20.86 -28.36
C TYR A 247 -2.72 -21.79 -28.43
N GLN A 248 -2.82 -22.60 -29.48
CA GLN A 248 -3.97 -23.50 -29.59
C GLN A 248 -3.91 -24.63 -28.57
N LYS A 249 -2.71 -25.17 -28.33
CA LYS A 249 -2.55 -26.22 -27.31
C LYS A 249 -2.92 -25.69 -25.93
N SER A 250 -2.62 -24.43 -25.66
CA SER A 250 -3.00 -23.83 -24.38
C SER A 250 -4.52 -23.75 -24.25
N LEU A 251 -5.19 -23.25 -25.30
CA LEU A 251 -6.65 -23.18 -25.24
C LEU A 251 -7.27 -24.56 -25.13
N ASP A 252 -6.65 -25.57 -25.73
CA ASP A 252 -7.20 -26.92 -25.62
C ASP A 252 -7.11 -27.40 -24.16
N LEU A 253 -6.03 -27.06 -23.48
CA LEU A 253 -5.87 -27.46 -22.08
C LEU A 253 -6.71 -26.60 -21.12
N ALA A 254 -6.93 -25.34 -21.46
CA ALA A 254 -7.68 -24.42 -20.61
C ALA A 254 -8.42 -23.43 -21.48
N PRO A 255 -9.53 -23.85 -22.11
CA PRO A 255 -10.28 -22.91 -22.96
C PRO A 255 -10.78 -21.69 -22.21
N TYR A 256 -10.92 -21.76 -20.88
CA TYR A 256 -11.43 -20.66 -20.08
C TYR A 256 -10.39 -19.58 -19.80
N PHE A 257 -9.11 -19.84 -20.01
CA PHE A 257 -8.10 -18.87 -19.58
C PHE A 257 -8.07 -17.72 -20.59
N LEU A 258 -8.71 -16.61 -20.21
CA LEU A 258 -8.85 -15.45 -21.08
C LEU A 258 -7.51 -14.79 -21.39
N GLY A 259 -6.53 -14.95 -20.52
CA GLY A 259 -5.24 -14.31 -20.76
C GLY A 259 -4.56 -14.82 -22.01
N THR A 260 -4.88 -16.06 -22.42
CA THR A 260 -4.31 -16.60 -23.64
C THR A 260 -4.76 -15.79 -24.86
N LYS A 261 -6.05 -15.42 -24.91
CA LYS A 261 -6.59 -14.70 -26.05
C LYS A 261 -6.10 -13.26 -26.06
N VAL A 262 -5.97 -12.64 -24.88
CA VAL A 262 -5.42 -11.30 -24.79
C VAL A 262 -4.03 -11.24 -25.40
N LEU A 263 -3.19 -12.21 -25.04
CA LEU A 263 -1.83 -12.25 -25.58
C LEU A 263 -1.85 -12.49 -27.08
N MET A 264 -2.69 -13.41 -27.55
CA MET A 264 -2.84 -13.62 -28.98
C MET A 264 -3.20 -12.32 -29.70
N ALA A 265 -4.24 -11.62 -29.23
CA ALA A 265 -4.64 -10.38 -29.90
C ALA A 265 -3.49 -9.37 -29.88
N GLU A 266 -2.82 -9.25 -28.73
CA GLU A 266 -1.82 -8.20 -28.50
C GLU A 266 -0.59 -8.39 -29.37
N ASN A 267 -0.02 -9.60 -29.40
CA ASN A 267 1.25 -9.80 -30.10
C ASN A 267 1.17 -10.67 -31.36
N LEU A 268 0.07 -11.37 -31.61
CA LEU A 268 -0.03 -12.20 -32.81
C LEU A 268 -0.96 -11.59 -33.85
N ALA A 269 -2.22 -11.32 -33.48
CA ALA A 269 -3.18 -10.77 -34.44
C ALA A 269 -2.68 -9.46 -35.02
N THR A 270 -2.05 -8.63 -34.18
CA THR A 270 -1.39 -7.43 -34.69
C THR A 270 -0.30 -7.80 -35.69
N LYS A 271 0.61 -8.68 -35.28
CA LYS A 271 1.70 -9.13 -36.15
C LYS A 271 1.14 -9.68 -37.46
N LEU A 272 0.08 -10.49 -37.39
CA LEU A 272 -0.53 -11.07 -38.59
C LEU A 272 -1.34 -10.05 -39.38
N ASP A 273 -1.45 -8.82 -38.89
CA ASP A 273 -2.29 -7.79 -39.49
C ASP A 273 -3.68 -8.35 -39.83
N ASP A 274 -4.31 -8.96 -38.83
CA ASP A 274 -5.65 -9.54 -38.97
C ASP A 274 -6.58 -8.79 -38.00
N GLU A 275 -7.14 -7.67 -38.49
CA GLU A 275 -8.00 -6.86 -37.66
C GLU A 275 -9.20 -7.65 -37.16
N GLU A 276 -9.81 -8.43 -38.05
CA GLU A 276 -10.98 -9.22 -37.66
C GLU A 276 -10.65 -10.14 -36.49
N MET A 277 -9.50 -10.79 -36.52
CA MET A 277 -9.16 -11.70 -35.43
C MET A 277 -8.87 -10.93 -34.14
N PHE A 278 -8.10 -9.84 -34.25
CA PHE A 278 -7.87 -8.96 -33.10
C PHE A 278 -9.20 -8.58 -32.45
N ASP A 279 -10.13 -8.06 -33.25
CA ASP A 279 -11.42 -7.66 -32.72
C ASP A 279 -12.16 -8.84 -32.10
N ARG A 280 -12.17 -9.99 -32.79
CA ARG A 280 -12.94 -11.13 -32.31
C ARG A 280 -12.40 -11.66 -30.99
N LEU A 281 -11.08 -11.82 -30.89
CA LEU A 281 -10.50 -12.40 -29.68
C LEU A 281 -10.83 -11.56 -28.46
N LEU A 282 -10.68 -10.24 -28.57
CA LEU A 282 -10.93 -9.36 -27.45
C LEU A 282 -12.39 -9.41 -27.03
N GLN A 283 -13.30 -9.46 -28.01
CA GLN A 283 -14.71 -9.51 -27.68
C GLN A 283 -15.09 -10.83 -27.03
N GLU A 284 -14.46 -11.93 -27.46
CA GLU A 284 -14.70 -13.21 -26.79
C GLU A 284 -14.25 -13.14 -25.33
N VAL A 285 -13.13 -12.46 -25.08
CA VAL A 285 -12.66 -12.27 -23.72
C VAL A 285 -13.69 -11.52 -22.91
N ILE A 286 -14.19 -10.40 -23.45
CA ILE A 286 -15.10 -9.54 -22.69
C ILE A 286 -16.43 -10.24 -22.47
N ASP A 287 -16.85 -11.11 -23.39
CA ASP A 287 -18.14 -11.77 -23.28
C ASP A 287 -18.11 -13.00 -22.39
N ALA A 288 -16.94 -13.52 -22.03
CA ALA A 288 -16.86 -14.76 -21.27
C ALA A 288 -17.56 -14.59 -19.93
N ASP A 289 -18.24 -15.65 -19.49
CA ASP A 289 -18.92 -15.69 -18.20
C ASP A 289 -17.90 -15.93 -17.09
N ILE A 290 -18.13 -15.30 -15.93
CA ILE A 290 -17.17 -15.40 -14.84
C ILE A 290 -17.02 -16.85 -14.39
N SER A 291 -18.15 -17.56 -14.26
CA SER A 291 -18.12 -18.91 -13.72
C SER A 291 -17.54 -19.94 -14.69
N ALA A 292 -17.12 -19.53 -15.88
CA ALA A 292 -16.49 -20.49 -16.79
C ALA A 292 -15.08 -20.85 -16.34
N ALA A 293 -14.42 -19.94 -15.66
CA ALA A 293 -13.09 -20.22 -15.17
C ALA A 293 -13.12 -20.65 -13.70
N PRO A 294 -12.13 -21.43 -13.27
CA PRO A 294 -12.08 -21.84 -11.86
C PRO A 294 -12.03 -20.66 -10.90
N ALA A 295 -12.63 -20.84 -9.73
CA ALA A 295 -12.76 -19.75 -8.77
C ALA A 295 -11.41 -19.12 -8.41
N GLU A 296 -10.36 -19.94 -8.32
CA GLU A 296 -9.08 -19.43 -7.83
C GLU A 296 -8.35 -18.49 -8.81
N ILE A 297 -8.86 -18.30 -10.02
CA ILE A 297 -8.28 -17.32 -10.94
C ILE A 297 -9.31 -16.29 -11.40
N HIS A 298 -10.41 -16.12 -10.65
CA HIS A 298 -11.40 -15.13 -11.05
C HIS A 298 -10.80 -13.73 -11.10
N ALA A 299 -9.94 -13.41 -10.12
CA ALA A 299 -9.32 -12.08 -10.08
C ALA A 299 -8.44 -11.86 -11.31
N GLU A 300 -7.65 -12.88 -11.68
CA GLU A 300 -6.82 -12.78 -12.87
C GLU A 300 -7.66 -12.54 -14.13
N MET A 301 -8.78 -13.25 -14.27
CA MET A 301 -9.62 -13.10 -15.44
C MET A 301 -10.26 -11.71 -15.51
N ALA A 302 -10.63 -11.16 -14.36
CA ALA A 302 -11.13 -9.79 -14.33
C ALA A 302 -10.08 -8.82 -14.83
N ILE A 303 -8.81 -9.02 -14.43
CA ILE A 303 -7.74 -8.19 -14.98
C ILE A 303 -7.66 -8.35 -16.51
N GLU A 304 -7.77 -9.58 -17.00
CA GLU A 304 -7.65 -9.81 -18.43
C GLU A 304 -8.79 -9.12 -19.19
N LYS A 305 -9.99 -9.10 -18.63
CA LYS A 305 -11.08 -8.36 -19.26
C LYS A 305 -10.78 -6.86 -19.29
N GLU A 306 -10.19 -6.33 -18.21
CA GLU A 306 -9.77 -4.93 -18.25
C GLU A 306 -8.69 -4.70 -19.30
N LYS A 307 -7.79 -5.67 -19.49
CA LYS A 307 -6.75 -5.52 -20.51
C LYS A 307 -7.36 -5.49 -21.91
N ALA A 308 -8.38 -6.32 -22.15
CA ALA A 308 -9.04 -6.34 -23.44
C ALA A 308 -9.69 -5.00 -23.75
N VAL A 309 -10.44 -4.45 -22.80
CA VAL A 309 -11.06 -3.15 -23.01
C VAL A 309 -9.98 -2.12 -23.32
N GLU A 310 -8.85 -2.20 -22.61
CA GLU A 310 -7.75 -1.26 -22.83
C GLU A 310 -7.18 -1.40 -24.23
N LEU A 311 -7.02 -2.63 -24.72
CA LEU A 311 -6.50 -2.83 -26.06
C LEU A 311 -7.52 -2.39 -27.11
N GLN A 312 -8.81 -2.57 -26.85
CA GLN A 312 -9.83 -2.08 -27.76
C GLN A 312 -9.72 -0.57 -27.94
N LYS A 313 -9.49 0.15 -26.84
CA LYS A 313 -9.40 1.60 -26.91
C LYS A 313 -8.06 2.06 -27.45
N GLN A 314 -7.00 1.28 -27.25
CA GLN A 314 -5.71 1.63 -27.86
C GLN A 314 -5.77 1.52 -29.37
N LYS A 315 -6.43 0.48 -29.88
CA LYS A 315 -6.54 0.29 -31.32
C LYS A 315 -7.22 1.48 -31.98
N VAL A 316 -8.36 1.91 -31.41
CA VAL A 316 -9.04 3.10 -31.91
C VAL A 316 -8.11 4.30 -31.82
N ALA A 317 -7.52 4.53 -30.65
CA ALA A 317 -6.73 5.75 -30.44
C ALA A 317 -5.53 5.81 -31.38
N GLU A 318 -4.77 4.72 -31.49
CA GLU A 318 -3.55 4.68 -32.28
C GLU A 318 -3.81 4.22 -33.72
N ASP A 319 -5.07 4.05 -34.11
CA ASP A 319 -5.44 3.72 -35.48
C ASP A 319 -4.77 2.44 -35.98
N TRP A 320 -4.58 1.48 -35.07
CA TRP A 320 -4.16 0.15 -35.48
C TRP A 320 -5.07 -0.37 -36.59
N PHE A 321 -4.52 -1.20 -37.47
CA PHE A 321 -5.29 -1.78 -38.56
C PHE A 321 -6.07 -0.70 -39.31
N GLY B 43 -4.18 0.82 47.64
CA GLY B 43 -4.91 -0.18 46.90
C GLY B 43 -4.17 -0.67 45.69
N ASP B 44 -4.19 -1.99 45.48
CA ASP B 44 -3.46 -2.58 44.35
C ASP B 44 -3.86 -1.94 43.03
N ALA B 45 -5.16 -1.65 42.85
CA ALA B 45 -5.67 -1.25 41.54
C ALA B 45 -4.97 0.01 41.03
N THR B 46 -4.83 1.03 41.89
CA THR B 46 -4.14 2.24 41.48
C THR B 46 -2.66 2.00 41.27
N ALA B 47 -2.08 0.99 41.92
CA ALA B 47 -0.66 0.70 41.75
C ALA B 47 -0.41 -0.04 40.44
N THR B 48 -1.26 -1.00 40.09
CA THR B 48 -1.16 -1.62 38.78
C THR B 48 -1.41 -0.60 37.69
N SER B 49 -2.28 0.38 37.94
CA SER B 49 -2.54 1.42 36.94
C SER B 49 -1.36 2.36 36.79
N ALA B 50 -0.77 2.79 37.91
CA ALA B 50 0.30 3.78 37.86
C ALA B 50 1.58 3.21 37.26
N SER B 51 1.78 1.89 37.34
CA SER B 51 2.93 1.28 36.68
C SER B 51 2.67 1.03 35.20
N SER B 52 1.42 0.67 34.85
CA SER B 52 1.02 0.68 33.43
C SER B 52 1.35 2.04 32.83
N LEU B 53 1.07 3.12 33.58
CA LEU B 53 1.29 4.47 33.06
C LEU B 53 2.77 4.70 32.75
N GLU B 54 3.64 4.27 33.67
CA GLU B 54 5.08 4.43 33.45
C GLU B 54 5.53 3.63 32.23
N SER B 55 5.09 2.39 32.12
CA SER B 55 5.40 1.60 30.92
C SER B 55 4.96 2.34 29.67
N ALA B 56 3.74 2.90 29.71
CA ALA B 56 3.18 3.53 28.51
C ALA B 56 4.02 4.72 28.08
N LYS B 57 4.41 5.58 29.03
CA LYS B 57 5.21 6.75 28.69
C LYS B 57 6.55 6.34 28.08
N ALA B 58 7.16 5.28 28.62
CA ALA B 58 8.46 4.85 28.08
C ALA B 58 8.32 4.30 26.67
N ALA B 59 7.30 3.48 26.41
CA ALA B 59 7.10 2.96 25.07
C ALA B 59 6.77 4.07 24.08
N TRP B 60 6.04 5.09 24.53
CA TRP B 60 5.69 6.21 23.67
C TRP B 60 6.92 7.04 23.34
N GLU B 61 7.75 7.33 24.34
CA GLU B 61 8.99 8.06 24.09
C GLU B 61 9.88 7.30 23.11
N ALA B 62 9.77 5.98 23.07
CA ALA B 62 10.53 5.18 22.12
C ALA B 62 9.70 4.81 20.88
N ARG B 63 8.65 5.57 20.58
CA ARG B 63 7.82 5.29 19.41
C ARG B 63 8.63 5.33 18.11
N GLY B 64 9.75 6.07 18.09
CA GLY B 64 10.58 6.10 16.91
C GLY B 64 11.18 4.76 16.53
N GLN B 65 11.05 3.75 17.40
CA GLN B 65 11.61 2.43 17.14
C GLN B 65 10.68 1.54 16.33
N GLY B 66 9.43 1.94 16.12
CA GLY B 66 8.52 1.17 15.30
C GLY B 66 7.13 1.01 15.85
N LYS B 67 6.24 0.42 15.05
CA LYS B 67 4.83 0.33 15.41
C LYS B 67 4.63 -0.46 16.70
N ASP B 68 5.42 -1.52 16.90
CA ASP B 68 5.26 -2.35 18.10
C ASP B 68 5.37 -1.51 19.37
N LYS B 69 6.24 -0.51 19.37
CA LYS B 69 6.38 0.35 20.55
C LYS B 69 5.13 1.21 20.76
N VAL B 70 4.55 1.71 19.67
CA VAL B 70 3.34 2.51 19.79
C VAL B 70 2.19 1.68 20.32
N LEU B 71 2.02 0.47 19.77
CA LEU B 71 0.96 -0.42 20.25
C LEU B 71 1.19 -0.79 21.71
N GLU B 72 2.46 -0.99 22.10
CA GLU B 72 2.78 -1.23 23.51
C GLU B 72 2.27 -0.10 24.40
N ALA B 73 2.55 1.14 24.01
CA ALA B 73 2.10 2.30 24.76
C ALA B 73 0.59 2.34 24.85
N ILE B 74 -0.09 2.08 23.73
CA ILE B 74 -1.56 2.12 23.75
C ILE B 74 -2.12 1.04 24.67
N ALA B 75 -1.56 -0.18 24.59
CA ALA B 75 -2.06 -1.25 25.46
C ALA B 75 -1.81 -0.94 26.93
N ALA B 76 -0.70 -0.28 27.23
CA ALA B 76 -0.41 0.08 28.61
C ALA B 76 -1.36 1.17 29.10
N TRP B 77 -1.61 2.20 28.28
CA TRP B 77 -2.49 3.26 28.73
C TRP B 77 -3.92 2.75 28.92
N GLU B 78 -4.41 1.90 28.02
CA GLU B 78 -5.77 1.40 28.17
C GLU B 78 -5.88 0.55 29.44
N GLN B 79 -4.84 -0.24 29.74
CA GLN B 79 -4.81 -0.93 31.01
C GLN B 79 -4.87 0.07 32.17
N ALA B 80 -4.15 1.18 32.07
CA ALA B 80 -4.21 2.21 33.10
C ALA B 80 -5.62 2.76 33.28
N MET B 81 -6.42 2.77 32.23
CA MET B 81 -7.78 3.29 32.27
C MET B 81 -8.82 2.21 32.59
N GLY B 82 -8.38 1.02 33.01
CA GLY B 82 -9.31 -0.03 33.42
C GLY B 82 -9.78 -0.97 32.34
N CYS B 83 -9.24 -0.82 31.12
CA CYS B 83 -9.61 -1.70 30.02
C CYS B 83 -9.01 -3.09 30.19
N THR B 84 -9.74 -4.10 29.72
CA THR B 84 -9.15 -5.42 29.57
C THR B 84 -8.30 -5.46 28.30
N ALA B 85 -7.37 -6.41 28.26
CA ALA B 85 -6.43 -6.49 27.15
C ALA B 85 -7.03 -7.23 25.96
N GLY B 86 -6.63 -6.82 24.77
CA GLY B 86 -7.09 -7.47 23.56
C GLY B 86 -6.94 -6.56 22.36
N ASP B 87 -7.25 -7.14 21.20
CA ASP B 87 -7.14 -6.43 19.93
C ASP B 87 -8.47 -5.86 19.45
N THR B 88 -9.54 -6.03 20.21
CA THR B 88 -10.83 -5.47 19.82
C THR B 88 -10.89 -3.99 20.20
N SER B 89 -11.99 -3.35 19.83
CA SER B 89 -12.13 -1.91 20.02
C SER B 89 -12.17 -1.57 21.51
N PRO B 90 -11.78 -0.35 21.88
CA PRO B 90 -11.85 0.03 23.30
C PRO B 90 -13.25 -0.04 23.87
N LYS B 91 -14.28 0.28 23.06
CA LYS B 91 -15.64 0.26 23.59
C LYS B 91 -16.06 -1.15 24.00
N ASP B 92 -15.36 -2.18 23.54
CA ASP B 92 -15.67 -3.55 23.92
C ASP B 92 -14.85 -4.02 25.11
N ARG B 93 -13.83 -3.26 25.51
CA ARG B 93 -12.92 -3.65 26.58
C ARG B 93 -12.82 -2.63 27.72
N CYS B 94 -13.36 -1.42 27.54
CA CYS B 94 -13.12 -0.34 28.48
C CYS B 94 -14.45 0.12 29.08
N SER B 95 -14.72 -0.37 30.29
CA SER B 95 -15.91 0.03 31.01
C SER B 95 -15.56 1.26 31.86
N ALA B 96 -16.30 2.33 31.66
CA ALA B 96 -16.19 3.53 32.49
C ALA B 96 -14.75 4.03 32.67
N PRO B 97 -14.03 4.30 31.59
CA PRO B 97 -12.72 4.95 31.72
C PRO B 97 -12.85 6.22 32.54
N PRO B 98 -11.95 6.47 33.46
CA PRO B 98 -12.15 7.61 34.37
C PRO B 98 -11.84 8.94 33.70
N THR B 99 -12.88 9.65 33.29
CA THR B 99 -12.72 10.91 32.56
C THR B 99 -12.64 12.09 33.53
N THR B 100 -11.64 12.03 34.39
CA THR B 100 -11.40 13.03 35.43
C THR B 100 -10.33 14.02 34.98
N THR B 101 -10.36 15.22 35.60
CA THR B 101 -9.35 16.22 35.30
C THR B 101 -7.96 15.62 35.36
N GLU B 102 -7.72 14.77 36.38
CA GLU B 102 -6.41 14.15 36.57
C GLU B 102 -5.95 13.40 35.33
N ASN B 103 -6.88 12.72 34.66
CA ASN B 103 -6.53 11.84 33.55
C ASN B 103 -6.62 12.52 32.19
N ALA B 104 -6.94 13.82 32.14
CA ALA B 104 -7.20 14.46 30.84
C ALA B 104 -5.97 14.41 29.94
N GLU B 105 -4.80 14.76 30.47
CA GLU B 105 -3.58 14.70 29.67
C GLU B 105 -3.38 13.33 29.04
N THR B 106 -3.49 12.29 29.85
CA THR B 106 -3.26 10.93 29.36
C THR B 106 -4.26 10.58 28.27
N LEU B 107 -5.54 10.91 28.47
CA LEU B 107 -6.54 10.55 27.49
C LEU B 107 -6.26 11.23 26.15
N ALA B 108 -5.87 12.52 26.20
CA ALA B 108 -5.55 13.23 24.96
C ALA B 108 -4.28 12.70 24.31
N LEU B 109 -3.34 12.17 25.08
CA LEU B 109 -2.15 11.56 24.51
C LEU B 109 -2.47 10.19 23.91
N MET B 110 -3.38 9.44 24.54
CA MET B 110 -3.85 8.20 23.93
C MET B 110 -4.49 8.45 22.57
N THR B 111 -5.26 9.53 22.47
CA THR B 111 -5.89 9.91 21.20
C THR B 111 -4.85 10.14 20.13
N ARG B 112 -3.82 10.90 20.46
CA ARG B 112 -2.74 11.20 19.51
C ARG B 112 -1.95 9.96 19.13
N ALA B 113 -1.69 9.07 20.09
CA ALA B 113 -0.88 7.90 19.84
C ALA B 113 -1.60 6.90 18.94
N ILE B 114 -2.90 6.70 19.14
CA ILE B 114 -3.67 5.82 18.27
C ILE B 114 -3.72 6.42 16.86
N TYR B 115 -3.91 7.75 16.78
CA TYR B 115 -3.82 8.42 15.48
C TYR B 115 -2.45 8.21 14.85
N PHE B 116 -1.38 8.44 15.62
CA PHE B 116 -0.02 8.22 15.13
C PHE B 116 0.12 6.82 14.57
N TYR B 117 -0.46 5.82 15.22
CA TYR B 117 -0.36 4.45 14.73
C TYR B 117 -1.02 4.30 13.35
N ALA B 118 -2.28 4.74 13.25
CA ALA B 118 -3.00 4.57 11.99
C ALA B 118 -2.40 5.41 10.88
N ASP B 119 -2.16 6.70 11.15
CA ASP B 119 -1.56 7.59 10.16
C ASP B 119 -0.16 7.14 9.78
N GLY B 120 0.57 6.51 10.71
CA GLY B 120 1.93 6.14 10.40
C GLY B 120 2.10 4.81 9.72
N TYR B 121 1.22 3.84 10.05
CA TYR B 121 1.47 2.46 9.70
C TYR B 121 0.31 1.73 9.04
N LEU B 122 -0.90 2.30 9.01
CA LEU B 122 -2.06 1.61 8.45
C LEU B 122 -2.55 2.22 7.13
N ARG B 123 -1.74 3.04 6.47
CA ARG B 123 -2.21 3.74 5.27
C ARG B 123 -2.50 2.80 4.10
N GLY B 124 -2.03 1.54 4.17
CA GLY B 124 -2.25 0.56 3.12
C GLY B 124 -3.39 -0.41 3.36
N ASP B 125 -4.12 -0.27 4.47
CA ASP B 125 -5.13 -1.22 4.92
C ASP B 125 -6.37 -0.42 5.29
N GLU B 126 -7.28 -0.22 4.32
CA GLU B 126 -8.38 0.72 4.52
C GLU B 126 -9.20 0.37 5.75
N LYS B 127 -9.44 -0.92 5.99
CA LYS B 127 -10.33 -1.32 7.08
C LYS B 127 -9.66 -1.15 8.45
N ALA B 128 -8.38 -1.52 8.57
CA ALA B 128 -7.70 -1.29 9.84
C ALA B 128 -7.54 0.20 10.11
N TYR B 129 -7.12 0.97 9.09
CA TYR B 129 -6.99 2.43 9.18
C TYR B 129 -8.27 3.06 9.72
N LEU B 130 -9.41 2.64 9.17
CA LEU B 130 -10.68 3.21 9.64
C LEU B 130 -10.99 2.73 11.06
N ASP B 131 -10.70 1.47 11.36
CA ASP B 131 -10.88 0.95 12.72
C ASP B 131 -10.13 1.81 13.73
N TYR B 132 -8.81 1.93 13.57
CA TYR B 132 -8.02 2.64 14.56
C TYR B 132 -8.27 4.14 14.55
N MET B 133 -8.53 4.77 13.41
CA MET B 133 -8.93 6.18 13.47
C MET B 133 -10.18 6.33 14.33
N ASP B 134 -11.11 5.40 14.22
CA ASP B 134 -12.33 5.48 15.02
C ASP B 134 -12.05 5.24 16.49
N ARG B 135 -11.07 4.40 16.79
CA ARG B 135 -10.67 4.23 18.19
C ARG B 135 -10.11 5.53 18.75
N ALA B 136 -9.33 6.26 17.95
CA ALA B 136 -8.81 7.54 18.39
C ALA B 136 -9.93 8.54 18.61
N VAL B 137 -10.92 8.58 17.71
CA VAL B 137 -12.10 9.41 17.94
C VAL B 137 -12.78 9.03 19.25
N TRP B 138 -12.91 7.73 19.50
CA TRP B 138 -13.61 7.26 20.70
C TRP B 138 -12.91 7.73 21.97
N TRP B 139 -11.59 7.52 22.06
CA TRP B 139 -10.85 8.02 23.22
C TRP B 139 -10.82 9.55 23.24
N GLY B 140 -10.86 10.18 22.07
CA GLY B 140 -10.84 11.62 22.02
C GLY B 140 -12.09 12.25 22.60
N GLU B 141 -13.24 11.60 22.41
CA GLU B 141 -14.47 12.09 23.06
C GLU B 141 -14.28 12.10 24.57
N ARG B 142 -13.63 11.07 25.10
CA ARG B 142 -13.41 10.98 26.55
C ARG B 142 -12.36 12.00 27.01
N ALA B 143 -11.32 12.22 26.19
CA ALA B 143 -10.33 13.24 26.50
C ALA B 143 -10.95 14.63 26.56
N LEU B 144 -11.94 14.90 25.71
CA LEU B 144 -12.62 16.20 25.75
C LEU B 144 -13.43 16.34 27.04
N ILE B 145 -14.19 15.31 27.42
CA ILE B 145 -14.99 15.37 28.64
C ILE B 145 -14.09 15.52 29.86
N ALA B 146 -12.97 14.79 29.88
CA ALA B 146 -12.06 14.90 31.03
C ALA B 146 -11.46 16.29 31.12
N ALA B 147 -11.12 16.92 29.99
CA ALA B 147 -10.46 18.22 30.03
C ALA B 147 -11.44 19.35 30.30
N SER B 148 -12.76 19.12 30.14
CA SER B 148 -13.74 20.19 30.12
C SER B 148 -15.07 19.66 30.61
N PRO B 149 -15.31 19.73 31.93
CA PRO B 149 -16.66 19.36 32.43
C PRO B 149 -17.75 20.28 31.91
N GLU B 150 -17.42 21.52 31.53
CA GLU B 150 -18.41 22.42 30.93
C GLU B 150 -18.89 21.88 29.57
N PHE B 151 -17.97 21.35 28.77
CA PHE B 151 -18.34 20.71 27.51
C PHE B 151 -19.29 19.55 27.75
N GLY B 152 -18.95 18.67 28.71
CA GLY B 152 -19.84 17.57 29.04
C GLY B 152 -21.23 18.04 29.43
N GLU B 153 -21.31 19.03 30.32
CA GLU B 153 -22.61 19.49 30.79
C GLU B 153 -23.46 20.06 29.65
N ALA B 154 -22.87 20.98 28.88
CA ALA B 154 -23.59 21.56 27.75
C ALA B 154 -24.15 20.46 26.85
N MET B 155 -23.32 19.46 26.55
CA MET B 155 -23.77 18.33 25.72
C MET B 155 -24.98 17.66 26.37
N ARG B 156 -24.96 17.49 27.69
CA ARG B 156 -26.07 16.87 28.39
C ARG B 156 -27.31 17.77 28.45
N ASN B 157 -27.14 19.09 28.28
CA ASN B 157 -28.25 20.03 28.24
C ASN B 157 -28.75 20.28 26.82
N LYS B 158 -28.53 19.32 25.91
CA LYS B 158 -28.99 19.39 24.52
C LYS B 158 -28.30 20.49 23.71
N THR B 159 -27.18 21.03 24.20
CA THR B 159 -26.36 21.93 23.39
C THR B 159 -25.57 21.10 22.38
N LYS B 160 -25.66 21.50 21.11
CA LYS B 160 -25.00 20.75 20.04
C LYS B 160 -23.49 20.95 20.09
N TYR B 161 -22.76 19.96 19.55
CA TYR B 161 -21.30 19.99 19.59
C TYR B 161 -20.76 21.29 19.00
N HIS B 162 -21.34 21.74 17.88
CA HIS B 162 -20.87 22.96 17.22
C HIS B 162 -20.72 24.12 18.17
N GLU B 163 -21.60 24.19 19.17
CA GLU B 163 -21.62 25.24 20.18
C GLU B 163 -20.89 24.82 21.45
N ALA B 164 -21.08 23.57 21.87
CA ALA B 164 -20.45 23.10 23.09
C ALA B 164 -18.93 23.13 22.98
N ILE B 165 -18.39 22.82 21.80
CA ILE B 165 -16.94 22.77 21.64
C ILE B 165 -16.32 24.13 21.88
N ALA B 166 -17.09 25.20 21.70
CA ALA B 166 -16.56 26.55 21.88
C ALA B 166 -16.32 26.90 23.34
N THR B 167 -16.91 26.16 24.29
CA THR B 167 -16.67 26.45 25.70
C THR B 167 -15.39 25.79 26.22
N VAL B 168 -14.76 24.91 25.43
CA VAL B 168 -13.55 24.25 25.88
C VAL B 168 -12.41 25.25 25.95
N GLY B 169 -11.64 25.19 27.04
CA GLY B 169 -10.55 26.11 27.28
C GLY B 169 -9.20 25.50 26.93
N ILE B 170 -8.15 26.23 27.31
CA ILE B 170 -6.81 25.91 26.83
C ILE B 170 -6.39 24.51 27.27
N ALA B 171 -6.89 24.03 28.41
CA ALA B 171 -6.49 22.72 28.90
C ALA B 171 -7.06 21.59 28.05
N GLY B 172 -8.09 21.87 27.25
CA GLY B 172 -8.65 20.89 26.35
C GLY B 172 -8.15 21.03 24.93
N LEU B 173 -7.17 21.89 24.68
CA LEU B 173 -6.70 22.09 23.31
C LEU B 173 -6.06 20.85 22.72
N PRO B 174 -5.18 20.13 23.42
CA PRO B 174 -4.67 18.86 22.87
C PRO B 174 -5.80 17.89 22.55
N ALA B 175 -6.78 17.76 23.44
CA ALA B 175 -7.89 16.85 23.20
C ALA B 175 -8.67 17.24 21.95
N MET B 176 -8.97 18.52 21.78
CA MET B 176 -9.78 18.90 20.64
C MET B 176 -8.97 18.80 19.36
N TYR B 177 -7.68 19.13 19.41
CA TYR B 177 -6.84 19.05 18.21
C TYR B 177 -6.71 17.60 17.74
N TRP B 178 -6.37 16.69 18.65
CA TRP B 178 -6.15 15.32 18.21
C TRP B 178 -7.47 14.62 17.91
N TYR B 179 -8.55 15.00 18.59
CA TYR B 179 -9.86 14.48 18.25
C TYR B 179 -10.22 14.84 16.82
N ALA B 180 -10.05 16.12 16.48
CA ALA B 180 -10.39 16.62 15.16
C ALA B 180 -9.48 16.04 14.10
N THR B 181 -8.24 15.75 14.47
CA THR B 181 -7.30 15.16 13.54
C THR B 181 -7.73 13.74 13.19
N ALA B 182 -8.04 12.92 14.20
CA ALA B 182 -8.52 11.57 13.95
C ALA B 182 -9.88 11.60 13.26
N LEU B 183 -10.75 12.52 13.67
CA LEU B 183 -12.08 12.58 13.05
C LEU B 183 -11.99 12.97 11.59
N GLY B 184 -11.16 13.96 11.28
CA GLY B 184 -10.95 14.35 9.88
C GLY B 184 -10.45 13.21 9.02
N LYS B 185 -9.34 12.58 9.43
CA LYS B 185 -8.79 11.52 8.59
C LYS B 185 -9.72 10.31 8.55
N TRP B 186 -10.44 10.04 9.65
CA TRP B 186 -11.44 8.98 9.61
C TRP B 186 -12.49 9.29 8.56
N ALA B 187 -13.03 10.51 8.60
CA ALA B 187 -14.12 10.90 7.73
C ALA B 187 -13.66 10.95 6.27
N ARG B 188 -12.44 11.44 6.03
CA ARG B 188 -11.93 11.53 4.66
C ARG B 188 -11.76 10.14 4.05
N ALA B 189 -11.17 9.21 4.80
CA ALA B 189 -11.01 7.84 4.32
C ALA B 189 -12.34 7.14 4.22
N SER B 190 -13.34 7.57 5.00
CA SER B 190 -14.64 6.91 4.94
C SER B 190 -15.34 7.19 3.62
N GLY B 191 -15.26 8.42 3.15
CA GLY B 191 -15.84 8.80 1.87
C GLY B 191 -16.39 10.21 1.95
N PHE B 192 -16.62 10.80 0.79
CA PHE B 192 -16.97 12.22 0.76
C PHE B 192 -18.26 12.51 1.51
N GLY B 193 -19.22 11.59 1.48
CA GLY B 193 -20.46 11.83 2.18
C GLY B 193 -20.26 11.95 3.68
N VAL B 194 -19.51 11.02 4.27
CA VAL B 194 -19.17 11.10 5.69
C VAL B 194 -18.41 12.38 5.97
N LEU B 195 -17.48 12.75 5.10
CA LEU B 195 -16.65 13.94 5.31
C LEU B 195 -17.51 15.20 5.34
N VAL B 196 -18.43 15.36 4.37
CA VAL B 196 -19.35 16.49 4.43
C VAL B 196 -20.18 16.44 5.71
N GLY B 197 -20.52 15.25 6.17
CA GLY B 197 -21.30 15.13 7.41
C GLY B 197 -20.58 15.69 8.63
N GLN B 198 -19.25 15.63 8.65
CA GLN B 198 -18.47 16.07 9.79
C GLN B 198 -17.91 17.46 9.62
N LYS B 199 -18.10 18.09 8.46
CA LYS B 199 -17.41 19.33 8.13
C LYS B 199 -17.62 20.42 9.16
N ASP B 200 -18.88 20.68 9.53
CA ASP B 200 -19.17 21.81 10.40
C ASP B 200 -18.63 21.58 11.81
N ASP B 201 -18.78 20.36 12.33
CA ASP B 201 -18.21 20.03 13.62
C ASP B 201 -16.70 20.17 13.58
N ILE B 202 -16.07 19.70 12.49
CA ILE B 202 -14.62 19.81 12.38
C ILE B 202 -14.20 21.28 12.32
N LYS B 203 -14.89 22.06 11.49
CA LYS B 203 -14.51 23.47 11.38
C LYS B 203 -14.71 24.17 12.71
N ALA B 204 -15.83 23.93 13.38
CA ALA B 204 -16.05 24.53 14.71
C ALA B 204 -14.92 24.18 15.67
N THR B 205 -14.49 22.90 15.67
CA THR B 205 -13.45 22.47 16.60
C THR B 205 -12.15 23.20 16.34
N MET B 206 -11.75 23.28 15.06
CA MET B 206 -10.47 23.89 14.75
C MET B 206 -10.51 25.40 14.83
N THR B 207 -11.70 26.01 14.62
CA THR B 207 -11.84 27.45 14.84
C THR B 207 -11.55 27.78 16.30
N ARG B 208 -12.08 26.97 17.22
CA ARG B 208 -11.83 27.18 18.64
C ARG B 208 -10.36 26.95 18.97
N ALA B 209 -9.75 25.91 18.37
CA ALA B 209 -8.34 25.66 18.60
C ALA B 209 -7.51 26.84 18.15
N LEU B 210 -7.87 27.44 17.02
CA LEU B 210 -7.14 28.58 16.49
C LEU B 210 -7.34 29.82 17.37
N GLU B 211 -8.49 29.94 18.03
CA GLU B 211 -8.67 31.04 18.98
C GLU B 211 -7.76 30.84 20.18
N LEU B 212 -7.68 29.61 20.70
CA LEU B 212 -6.92 29.35 21.91
C LEU B 212 -5.42 29.52 21.67
N ASP B 213 -4.88 28.86 20.63
CA ASP B 213 -3.44 28.96 20.40
C ASP B 213 -3.03 28.52 19.01
N PRO B 214 -2.89 29.44 18.06
CA PRO B 214 -2.55 29.03 16.70
C PRO B 214 -1.20 28.33 16.59
N SER B 215 -0.31 28.54 17.58
CA SER B 215 1.01 27.94 17.55
C SER B 215 1.03 26.51 18.08
N TYR B 216 -0.09 26.02 18.63
CA TYR B 216 -0.10 24.73 19.29
C TYR B 216 0.43 23.63 18.37
N TYR B 217 1.22 22.73 18.95
CA TYR B 217 1.82 21.61 18.24
C TYR B 217 2.41 22.06 16.90
N HIS B 218 3.30 23.04 16.99
CA HIS B 218 4.13 23.43 15.85
C HIS B 218 3.28 24.01 14.72
N GLY B 219 2.40 24.95 15.09
CA GLY B 219 1.52 25.57 14.13
C GLY B 219 0.38 24.68 13.67
N GLY B 220 -0.07 23.77 14.53
CA GLY B 220 -1.06 22.78 14.17
C GLY B 220 -2.34 23.38 13.61
N PRO B 221 -2.95 24.33 14.32
CA PRO B 221 -4.26 24.84 13.87
C PRO B 221 -4.21 25.42 12.48
N HIS B 222 -3.14 26.12 12.13
CA HIS B 222 -3.01 26.66 10.78
C HIS B 222 -2.75 25.54 9.78
N ARG B 223 -1.97 24.53 10.16
CA ARG B 223 -1.70 23.44 9.25
C ARG B 223 -2.98 22.64 9.00
N TYR B 224 -3.81 22.49 10.03
CA TYR B 224 -5.09 21.82 9.87
C TYR B 224 -5.99 22.60 8.91
N PHE B 225 -6.11 23.91 9.13
CA PHE B 225 -6.98 24.68 8.26
C PHE B 225 -6.43 24.69 6.84
N GLY B 226 -5.11 24.65 6.68
CA GLY B 226 -4.56 24.50 5.34
C GLY B 226 -5.18 23.33 4.62
N ALA B 227 -5.19 22.17 5.27
CA ALA B 227 -5.74 20.98 4.65
C ALA B 227 -7.25 21.09 4.48
N PHE B 228 -7.93 21.62 5.50
CA PHE B 228 -9.37 21.82 5.42
C PHE B 228 -9.77 22.58 4.14
N TYR B 229 -9.13 23.71 3.88
CA TYR B 229 -9.54 24.56 2.77
C TYR B 229 -9.05 24.05 1.42
N ALA B 230 -8.07 23.13 1.43
CA ALA B 230 -7.61 22.51 0.19
C ALA B 230 -8.38 21.22 -0.11
N ILE B 231 -8.71 20.46 0.94
CA ILE B 231 -9.42 19.21 0.73
C ILE B 231 -10.87 19.48 0.33
N ALA B 232 -11.48 20.49 0.93
CA ALA B 232 -12.89 20.79 0.61
C ALA B 232 -13.00 21.27 -0.83
N PRO B 233 -13.93 20.73 -1.61
CA PRO B 233 -14.15 21.28 -2.95
C PRO B 233 -14.62 22.73 -2.84
N GLY B 234 -14.28 23.51 -3.87
CA GLY B 234 -14.71 24.90 -3.89
C GLY B 234 -16.17 25.05 -3.53
N PHE B 235 -17.03 24.23 -4.14
CA PHE B 235 -18.46 24.40 -3.92
C PHE B 235 -18.89 24.03 -2.50
N ALA B 236 -18.04 23.32 -1.74
CA ALA B 236 -18.36 22.90 -0.38
C ALA B 236 -17.55 23.65 0.68
N GLY B 237 -16.97 24.78 0.33
CA GLY B 237 -16.25 25.61 1.28
C GLY B 237 -14.76 25.71 1.04
N GLY B 238 -14.21 24.90 0.15
CA GLY B 238 -12.80 25.00 -0.18
C GLY B 238 -12.44 26.37 -0.72
N ASP B 239 -11.17 26.72 -0.56
CA ASP B 239 -10.68 28.04 -0.95
C ASP B 239 -9.17 28.00 -1.06
N PRO B 240 -8.59 27.92 -2.27
CA PRO B 240 -7.13 27.84 -2.37
C PRO B 240 -6.43 29.02 -1.68
N ASP B 241 -7.05 30.19 -1.70
CA ASP B 241 -6.44 31.36 -1.06
C ASP B 241 -6.39 31.18 0.45
N LYS B 242 -7.52 30.80 1.05
CA LYS B 242 -7.50 30.54 2.48
C LYS B 242 -6.52 29.41 2.80
N SER B 243 -6.46 28.39 1.95
CA SER B 243 -5.57 27.26 2.22
C SER B 243 -4.12 27.70 2.26
N GLN B 244 -3.70 28.52 1.29
CA GLN B 244 -2.30 28.92 1.24
C GLN B 244 -1.96 29.88 2.38
N GLU B 245 -2.90 30.75 2.76
CA GLU B 245 -2.64 31.66 3.88
C GLU B 245 -2.43 30.88 5.18
N HIS B 246 -3.26 29.88 5.41
CA HIS B 246 -3.13 29.07 6.62
C HIS B 246 -1.86 28.23 6.56
N TYR B 247 -1.52 27.71 5.39
CA TYR B 247 -0.32 26.89 5.27
C TYR B 247 0.92 27.74 5.49
N GLN B 248 0.95 28.93 4.93
CA GLN B 248 2.12 29.80 5.11
C GLN B 248 2.28 30.19 6.58
N LYS B 249 1.18 30.50 7.26
CA LYS B 249 1.27 30.90 8.66
C LYS B 249 1.80 29.75 9.52
N SER B 250 1.34 28.53 9.26
CA SER B 250 1.89 27.38 9.97
C SER B 250 3.40 27.28 9.75
N LEU B 251 3.86 27.57 8.54
CA LEU B 251 5.29 27.48 8.25
C LEU B 251 6.05 28.65 8.87
N ASP B 252 5.40 29.82 9.02
CA ASP B 252 6.04 30.92 9.72
C ASP B 252 6.33 30.54 11.17
N LEU B 253 5.36 29.90 11.83
CA LEU B 253 5.46 29.56 13.24
C LEU B 253 6.37 28.35 13.47
N ALA B 254 6.34 27.38 12.57
CA ALA B 254 7.13 26.16 12.69
C ALA B 254 7.68 25.81 11.32
N PRO B 255 8.75 26.48 10.89
CA PRO B 255 9.33 26.16 9.57
C PRO B 255 9.86 24.75 9.48
N TYR B 256 10.17 24.13 10.63
CA TYR B 256 10.78 22.82 10.67
C TYR B 256 9.77 21.69 10.56
N PHE B 257 8.49 21.97 10.77
CA PHE B 257 7.51 20.91 10.85
C PHE B 257 7.23 20.38 9.44
N LEU B 258 7.83 19.23 9.14
CA LEU B 258 7.78 18.67 7.79
C LEU B 258 6.36 18.30 7.40
N GLY B 259 5.52 17.90 8.36
CA GLY B 259 4.17 17.49 8.03
C GLY B 259 3.38 18.57 7.29
N THR B 260 3.67 19.84 7.55
CA THR B 260 2.94 20.91 6.87
C THR B 260 3.15 20.82 5.37
N LYS B 261 4.42 20.64 4.95
CA LYS B 261 4.73 20.61 3.52
C LYS B 261 4.18 19.35 2.86
N VAL B 262 4.21 18.21 3.58
CA VAL B 262 3.67 16.98 3.01
C VAL B 262 2.18 17.17 2.71
N LEU B 263 1.46 17.81 3.63
CA LEU B 263 0.04 18.04 3.43
C LEU B 263 -0.21 19.04 2.31
N MET B 264 0.55 20.13 2.29
CA MET B 264 0.47 21.09 1.17
C MET B 264 0.65 20.38 -0.17
N ALA B 265 1.65 19.52 -0.26
CA ALA B 265 1.90 18.86 -1.54
C ALA B 265 0.79 17.86 -1.85
N GLU B 266 0.31 17.16 -0.83
CA GLU B 266 -0.63 16.07 -1.04
C GLU B 266 -1.99 16.60 -1.47
N ASN B 267 -2.47 17.70 -0.86
CA ASN B 267 -3.82 18.17 -1.10
C ASN B 267 -3.93 19.56 -1.71
N LEU B 268 -2.87 20.36 -1.73
CA LEU B 268 -2.92 21.67 -2.37
C LEU B 268 -2.21 21.66 -3.73
N ALA B 269 -0.91 21.34 -3.74
CA ALA B 269 -0.16 21.28 -5.00
C ALA B 269 -0.88 20.43 -6.05
N THR B 270 -1.54 19.37 -5.59
CA THR B 270 -2.30 18.51 -6.49
C THR B 270 -3.56 19.23 -6.98
N LYS B 271 -4.30 19.83 -6.05
CA LYS B 271 -5.52 20.54 -6.39
C LYS B 271 -5.25 21.64 -7.43
N LEU B 272 -4.13 22.34 -7.28
CA LEU B 272 -3.73 23.44 -8.15
C LEU B 272 -2.96 22.95 -9.37
N ASP B 273 -2.77 21.63 -9.49
CA ASP B 273 -2.02 21.02 -10.58
C ASP B 273 -0.72 21.77 -10.84
N ASP B 274 0.07 21.95 -9.79
CA ASP B 274 1.37 22.62 -9.89
C ASP B 274 2.42 21.56 -9.55
N GLU B 275 2.91 20.86 -10.58
CA GLU B 275 3.94 19.86 -10.34
C GLU B 275 5.13 20.49 -9.61
N GLU B 276 5.68 21.55 -10.18
CA GLU B 276 6.95 22.06 -9.66
C GLU B 276 6.81 22.50 -8.20
N MET B 277 5.61 22.88 -7.76
CA MET B 277 5.41 23.13 -6.33
C MET B 277 5.42 21.81 -5.55
N PHE B 278 4.66 20.83 -6.04
CA PHE B 278 4.65 19.50 -5.45
C PHE B 278 6.07 18.94 -5.33
N ASP B 279 6.73 18.79 -6.48
CA ASP B 279 8.09 18.23 -6.49
C ASP B 279 9.02 19.01 -5.57
N ARG B 280 8.93 20.34 -5.58
CA ARG B 280 9.81 21.13 -4.71
C ARG B 280 9.51 20.86 -3.25
N LEU B 281 8.24 20.97 -2.86
CA LEU B 281 7.86 20.77 -1.47
C LEU B 281 8.38 19.45 -0.92
N LEU B 282 8.13 18.35 -1.63
CA LEU B 282 8.51 17.05 -1.13
C LEU B 282 10.02 16.89 -1.02
N GLN B 283 10.76 17.55 -1.91
CA GLN B 283 12.22 17.46 -1.84
C GLN B 283 12.77 18.29 -0.68
N GLU B 284 12.08 19.37 -0.29
CA GLU B 284 12.52 20.12 0.88
C GLU B 284 12.31 19.31 2.16
N VAL B 285 11.27 18.49 2.19
CA VAL B 285 11.04 17.62 3.35
C VAL B 285 12.17 16.61 3.47
N ILE B 286 12.64 16.08 2.33
CA ILE B 286 13.63 15.02 2.36
C ILE B 286 15.01 15.54 2.70
N ASP B 287 15.33 16.78 2.35
CA ASP B 287 16.66 17.32 2.59
C ASP B 287 16.82 17.86 4.02
N ALA B 288 15.72 18.09 4.74
CA ALA B 288 15.81 18.65 6.08
C ALA B 288 16.68 17.79 6.99
N ASP B 289 17.35 18.45 7.93
CA ASP B 289 18.13 17.77 8.96
C ASP B 289 17.26 17.52 10.19
N ILE B 290 17.28 16.27 10.67
CA ILE B 290 16.47 15.90 11.83
C ILE B 290 16.74 16.86 12.98
N SER B 291 17.97 17.36 13.08
CA SER B 291 18.34 18.30 14.13
C SER B 291 17.56 19.59 14.06
N ALA B 292 17.03 19.93 12.88
CA ALA B 292 16.27 21.17 12.74
C ALA B 292 15.00 21.16 13.59
N ALA B 293 14.42 19.98 13.78
CA ALA B 293 13.17 19.80 14.52
C ALA B 293 13.46 19.50 15.98
N PRO B 294 12.68 20.06 16.91
CA PRO B 294 12.84 19.69 18.32
C PRO B 294 12.91 18.19 18.50
N ALA B 295 13.69 17.75 19.50
CA ALA B 295 13.89 16.32 19.72
C ALA B 295 12.58 15.58 19.90
N GLU B 296 11.57 16.22 20.47
CA GLU B 296 10.34 15.54 20.84
C GLU B 296 9.47 15.17 19.64
N ILE B 297 9.82 15.57 18.43
CA ILE B 297 8.99 15.24 17.27
C ILE B 297 9.80 14.55 16.19
N HIS B 298 11.00 14.08 16.54
CA HIS B 298 11.84 13.42 15.55
C HIS B 298 11.15 12.21 14.94
N ALA B 299 10.35 11.48 15.73
CA ALA B 299 9.69 10.29 15.19
C ALA B 299 8.58 10.65 14.22
N GLU B 300 7.84 11.72 14.53
CA GLU B 300 6.85 12.24 13.60
C GLU B 300 7.51 12.74 12.32
N MET B 301 8.60 13.50 12.46
CA MET B 301 9.32 13.98 11.28
C MET B 301 9.87 12.83 10.46
N ALA B 302 10.25 11.72 11.11
CA ALA B 302 10.67 10.55 10.35
C ALA B 302 9.53 9.99 9.51
N ILE B 303 8.33 9.88 10.11
CA ILE B 303 7.16 9.41 9.37
C ILE B 303 6.79 10.36 8.24
N GLU B 304 6.98 11.67 8.46
CA GLU B 304 6.65 12.64 7.41
C GLU B 304 7.60 12.47 6.22
N LYS B 305 8.89 12.28 6.49
CA LYS B 305 9.83 12.00 5.40
C LYS B 305 9.45 10.73 4.66
N GLU B 306 9.11 9.66 5.38
CA GLU B 306 8.54 8.47 4.77
C GLU B 306 7.38 8.84 3.83
N LYS B 307 6.35 9.49 4.38
CA LYS B 307 5.21 9.88 3.56
C LYS B 307 5.65 10.61 2.30
N ALA B 308 6.65 11.50 2.44
CA ALA B 308 7.12 12.30 1.30
C ALA B 308 7.79 11.42 0.26
N VAL B 309 8.66 10.50 0.70
CA VAL B 309 9.30 9.58 -0.23
C VAL B 309 8.24 8.76 -0.97
N GLU B 310 7.18 8.40 -0.27
CA GLU B 310 6.13 7.63 -0.93
C GLU B 310 5.41 8.53 -1.95
N LEU B 311 5.14 9.77 -1.55
CA LEU B 311 4.40 10.69 -2.42
C LEU B 311 5.14 10.91 -3.74
N GLN B 312 6.44 11.15 -3.68
CA GLN B 312 7.27 11.41 -4.85
C GLN B 312 7.12 10.30 -5.89
N LYS B 313 6.52 9.17 -5.51
CA LYS B 313 6.43 7.99 -6.36
C LYS B 313 5.04 7.73 -6.95
N GLN B 314 3.95 8.04 -6.23
CA GLN B 314 2.62 7.69 -6.74
C GLN B 314 2.03 8.74 -7.67
N LYS B 315 2.78 9.80 -8.00
CA LYS B 315 2.25 10.85 -8.86
C LYS B 315 1.55 10.28 -10.09
N VAL B 316 2.22 9.39 -10.82
CA VAL B 316 1.64 8.85 -12.05
C VAL B 316 0.27 8.24 -11.75
N ALA B 317 0.24 7.27 -10.85
CA ALA B 317 -1.01 6.63 -10.48
C ALA B 317 -2.07 7.65 -10.14
N GLU B 318 -1.70 8.67 -9.37
CA GLU B 318 -2.66 9.68 -8.94
C GLU B 318 -3.14 10.58 -10.08
N ASP B 319 -2.46 10.58 -11.22
CA ASP B 319 -2.79 11.48 -12.33
C ASP B 319 -2.81 12.94 -11.85
N TRP B 320 -1.62 13.40 -11.45
CA TRP B 320 -1.49 14.68 -10.79
C TRP B 320 -0.96 15.78 -11.70
N PHE B 321 0.10 15.49 -12.45
CA PHE B 321 0.75 16.53 -13.24
C PHE B 321 1.15 16.07 -14.64
#